data_6FY7
#
_entry.id   6FY7
#
loop_
_entity.id
_entity.type
_entity.pdbx_description
1 polymer "DNA (5'-D(*CP*GP*TP*CP*TP*CP*AP*TP*GP*AP*TP*AP*CP*G)-3')_minor"
2 non-polymer 'MERCURY (II) ION'
#
_entity_poly.entity_id   1
_entity_poly.type   'polydeoxyribonucleotide'
_entity_poly.pdbx_seq_one_letter_code
;(DC)(DG)(DT)(DC)(DT)(DC)(DA)(DT)(DG)(DA)(DT)(DA)(DC)(DG)
;
_entity_poly.pdbx_strand_id   A,B
#
loop_
_chem_comp.id
_chem_comp.type
_chem_comp.name
_chem_comp.formula
DA DNA linking 2'-DEOXYADENOSINE-5'-MONOPHOSPHATE 'C10 H14 N5 O6 P'
DC DNA linking 2'-DEOXYCYTIDINE-5'-MONOPHOSPHATE 'C9 H14 N3 O7 P'
DG DNA linking 2'-DEOXYGUANOSINE-5'-MONOPHOSPHATE 'C10 H14 N5 O7 P'
DT DNA linking THYMIDINE-5'-MONOPHOSPHATE 'C10 H15 N2 O8 P'
HG non-polymer 'MERCURY (II) ION' 'Hg 2'
#
# COMPACT_ATOMS: atom_id res chain seq x y z
HG HG C . -7.54 -1.08 -9.02
HG HG D . 7.56 1.00 9.03
HG HG C . -7.03 -0.81 -8.58
HG HG D . 7.01 1.17 8.56
HG HG C . -7.47 -1.22 -8.80
HG HG D . 7.49 0.82 8.83
HG HG C . -6.04 -0.94 -8.38
HG HG D . 6.05 0.94 8.38
HG HG C . -6.14 -0.93 -8.39
HG HG D . 6.15 0.96 8.39
HG HG C . -6.88 -0.70 -8.21
HG HG D . 6.87 1.19 8.16
HG HG C . -7.22 -0.67 -8.22
HG HG D . 7.18 1.25 8.15
HG HG C . -7.10 -1.00 -8.51
HG HG D . 7.09 0.97 8.52
HG HG C . -7.59 -1.36 -8.91
HG HG D . 7.61 0.72 8.96
HG HG C . -6.80 -1.30 -8.58
HG HG D . 6.83 0.65 8.65
HG HG C . -6.80 -1.06 -8.40
HG HG D . 6.80 0.86 8.43
HG HG C . -7.69 -1.15 -8.17
HG HG D . 7.69 0.77 8.22
HG HG C . -6.92 -1.04 -8.77
HG HG D . 6.93 0.98 8.77
HG HG C . -6.98 -1.04 -8.38
HG HG D . 6.98 0.89 8.39
HG HG C . -6.99 -0.83 -8.47
HG HG D . 6.98 1.13 8.44
HG HG C . -7.00 -0.96 -8.72
HG HG D . 6.99 1.04 8.71
HG HG C . -6.61 -0.64 -8.41
HG HG D . 6.59 1.26 8.34
HG HG C . -7.93 -0.98 -8.84
HG HG D . 7.92 1.09 8.83
HG HG C . -7.78 -0.99 -8.51
HG HG D . 7.77 1.01 8.52
HG HG C . -6.38 -0.97 -8.49
HG HG D . 6.40 0.97 8.50
#